data_1HT7
#
_entry.id   1HT7
#
_cell.length_a   1.000
_cell.length_b   1.000
_cell.length_c   1.000
_cell.angle_alpha   90.00
_cell.angle_beta   90.00
_cell.angle_gamma   90.00
#
_symmetry.space_group_name_H-M   'P 1'
#
loop_
_entity.id
_entity.type
_entity.pdbx_description
1 polymer "5'-D(*CP*GP*CP*AP*TP*GP*(3DR)P*GP*TP*AP*CP*GP*C)-3'"
2 polymer "5'-D(*GP*CP*GP*TP*AP*(3DR)P*AP*CP*AP*TP*GP*CP*G)-3'"
#
loop_
_entity_poly.entity_id
_entity_poly.type
_entity_poly.pdbx_seq_one_letter_code
_entity_poly.pdbx_strand_id
1 'polydeoxyribonucleotide' (DC)(DG)(DC)(DA)(DT)(DG)(3DR)(DG)(DT)(DA)(DC)(DG)(DC) A
2 'polydeoxyribonucleotide' (DG)(DC)(DG)(DT)(DA)(3DR)(DA)(DC)(DA)(DT)(DG)(DC)(DG) B
#
loop_
_chem_comp.id
_chem_comp.type
_chem_comp.name
_chem_comp.formula
3DR DNA linking 1',2'-DIDEOXYRIBOFURANOSE-5'-PHOSPHATE 'C5 H11 O6 P'
DA DNA linking 2'-DEOXYADENOSINE-5'-MONOPHOSPHATE 'C10 H14 N5 O6 P'
DC DNA linking 2'-DEOXYCYTIDINE-5'-MONOPHOSPHATE 'C9 H14 N3 O7 P'
DG DNA linking 2'-DEOXYGUANOSINE-5'-MONOPHOSPHATE 'C10 H14 N5 O7 P'
DT DNA linking THYMIDINE-5'-MONOPHOSPHATE 'C10 H15 N2 O8 P'
#
# COMPACT_ATOMS: atom_id res chain seq x y z
O5' 3DR A 7 7.62 -0.06 7.22
P 3DR A 7 7.59 -1.65 7.50
OP1 3DR A 7 7.83 -2.37 6.21
OP2 3DR A 7 8.47 -1.92 8.65
C2' 3DR A 7 9.75 -0.20 4.81
C5' 3DR A 7 6.88 0.61 6.19
C4' 3DR A 7 7.73 0.99 4.97
O4' 3DR A 7 8.83 1.87 5.29
C1' 3DR A 7 10.03 1.29 4.74
C3' 3DR A 7 8.34 -0.21 4.24
O3' 3DR A 7 8.31 -0.02 2.82
H2' 3DR A 7 9.73 -0.48 5.86
H2'' 3DR A 7 10.47 -0.79 4.25
H5' 3DR A 7 6.48 1.54 6.61
H5'' 3DR A 7 6.05 -0.01 5.86
H4'1 3DR A 7 7.09 1.50 4.25
H1'1 3DR A 7 10.90 1.58 5.32
H1'2 3DR A 7 10.15 1.60 3.70
H3' 3DR A 7 7.80 -1.12 4.49
O5' 3DR B 6 -8.96 -0.83 -7.12
P 3DR B 6 -7.97 0.06 -8.04
OP1 3DR B 6 -7.59 -0.76 -9.22
OP2 3DR B 6 -8.61 1.38 -8.25
C2' 3DR B 6 -8.77 0.80 -2.92
C5' 3DR B 6 -9.99 -0.30 -6.25
C4' 3DR B 6 -9.49 0.62 -5.13
O4' 3DR B 6 -10.61 1.06 -4.32
C1' 3DR B 6 -10.29 0.77 -2.96
C3' 3DR B 6 -8.50 -0.02 -4.16
O3' 3DR B 6 -8.74 -1.42 -3.94
H2' 3DR B 6 -8.35 0.39 -2.00
H2'' 3DR B 6 -8.45 1.83 -3.09
H5' 3DR B 6 -10.50 -1.15 -5.79
H5'' 3DR B 6 -10.70 0.24 -6.86
H4'1 3DR B 6 -9.02 1.50 -5.59
H1'1 3DR B 6 -10.63 -0.22 -2.69
H1'2 3DR B 6 -10.72 1.52 -2.29
H3' 3DR B 6 -7.48 0.11 -4.53
O5' 3DR A 7 7.80 -1.14 6.52
P 3DR A 7 7.28 -2.50 7.21
OP1 3DR A 7 7.44 -3.61 6.25
OP2 3DR A 7 7.92 -2.60 8.54
C2' 3DR A 7 10.39 -2.01 4.90
C5' 3DR A 7 7.38 -0.72 5.21
C4' 3DR A 7 8.53 -0.77 4.18
O4' 3DR A 7 9.62 0.11 4.49
C1' 3DR A 7 10.83 -0.65 4.41
C3' 3DR A 7 9.14 -2.18 4.06
O3' 3DR A 7 9.46 -2.58 2.71
H2' 3DR A 7 10.13 -1.91 5.95
H2'' 3DR A 7 11.16 -2.78 4.73
H5' 3DR A 7 7.01 0.30 5.26
H5'' 3DR A 7 6.57 -1.37 4.86
H4'1 3DR A 7 8.13 -0.48 3.21
H1'1 3DR A 7 11.61 -0.22 5.05
H1'2 3DR A 7 11.18 -0.72 3.38
H3' 3DR A 7 8.48 -2.94 4.50
O5' 3DR B 6 -8.98 0.06 -7.46
P 3DR B 6 -7.93 0.66 -8.53
OP1 3DR B 6 -7.71 -0.35 -9.59
OP2 3DR B 6 -8.36 2.03 -8.91
C2' 3DR B 6 -8.80 2.18 -3.49
C5' 3DR B 6 -9.98 0.81 -6.74
C4' 3DR B 6 -9.43 1.81 -5.70
O4' 3DR B 6 -10.54 2.43 -5.02
C1' 3DR B 6 -10.31 2.29 -3.60
C3' 3DR B 6 -8.55 1.18 -4.60
O3' 3DR B 6 -8.96 -0.15 -4.23
H2' 3DR B 6 -8.47 1.85 -2.50
H2'' 3DR B 6 -8.37 3.14 -3.76
H5' 3DR B 6 -10.62 0.09 -6.22
H5'' 3DR B 6 -10.59 1.36 -7.46
H4'1 3DR B 6 -8.86 2.58 -6.23
H1'1 3DR B 6 -10.77 1.37 -3.24
H1'2 3DR B 6 -10.70 3.15 -3.05
H3' 3DR B 6 -7.51 1.17 -4.92
O5' 3DR A 7 7.74 -0.74 6.38
P 3DR A 7 7.47 -2.20 7.06
OP1 3DR A 7 7.62 -3.24 6.02
OP2 3DR A 7 8.29 -2.27 8.29
C2' 3DR A 7 10.59 -1.29 5.00
C5' 3DR A 7 7.39 -0.41 5.03
C4' 3DR A 7 8.62 -0.31 4.12
O4' 3DR A 7 9.55 0.72 4.51
C1' 3DR A 7 10.86 0.13 4.54
C3' 3DR A 7 9.44 -1.62 4.06
O3' 3DR A 7 9.92 -1.95 2.74
H2' 3DR A 7 10.22 -1.24 6.02
H2'' 3DR A 7 11.45 -1.94 4.90
H5' 3DR A 7 6.87 0.54 5.02
H5'' 3DR A 7 6.72 -1.17 4.63
H4'1 3DR A 7 8.28 -0.08 3.11
H1'1 3DR A 7 11.51 0.66 5.23
H1'2 3DR A 7 11.30 0.11 3.55
H3' 3DR A 7 8.86 -2.47 4.43
O5' 3DR B 6 -8.58 -0.61 -7.65
P 3DR B 6 -7.40 -0.21 -8.69
OP1 3DR B 6 -7.19 -1.37 -9.59
OP2 3DR B 6 -7.75 1.11 -9.28
C2' 3DR B 6 -8.35 1.78 -3.85
C5' 3DR B 6 -9.55 0.28 -7.05
C4' 3DR B 6 -8.97 1.29 -6.05
O4' 3DR B 6 -10.03 2.06 -5.46
C1' 3DR B 6 -9.84 2.04 -4.03
C3' 3DR B 6 -8.20 0.66 -4.87
O3' 3DR B 6 -8.77 -0.57 -4.40
H2' 3DR B 6 -8.08 1.51 -2.83
H2'' 3DR B 6 -7.80 2.66 -4.20
H5' 3DR B 6 -10.28 -0.34 -6.52
H5'' 3DR B 6 -10.06 0.82 -7.84
H4'1 3DR B 6 -8.31 1.97 -6.58
H1'1 3DR B 6 -10.41 1.22 -3.58
H1'2 3DR B 6 -10.13 2.99 -3.58
H3' 3DR B 6 -7.16 0.50 -5.16
O5' 3DR A 7 8.15 -1.97 5.54
P 3DR A 7 7.70 -2.12 7.08
OP1 3DR A 7 7.74 -3.57 7.44
OP2 3DR A 7 8.47 -1.15 7.89
C2' 3DR A 7 11.22 -1.16 3.04
C5' 3DR A 7 8.05 -0.71 4.85
C4' 3DR A 7 9.35 -0.36 4.13
O4' 3DR A 7 10.47 -0.28 5.05
C1' 3DR A 7 11.52 -1.11 4.54
C3' 3DR A 7 9.73 -1.41 3.10
O3' 3DR A 7 9.10 -1.19 1.83
H2' 3DR A 7 11.78 -1.89 2.48
H2'' 3DR A 7 11.38 -0.17 2.62
H5' 3DR A 7 7.81 0.09 5.55
H5'' 3DR A 7 7.24 -0.77 4.12
H4'1 3DR A 7 9.23 0.61 3.63
H1'1 3DR A 7 11.46 -2.11 4.96
H1'2 3DR A 7 12.49 -0.66 4.75
H3' 3DR A 7 9.56 -2.42 3.48
O5' 3DR B 6 -9.43 -0.26 -6.67
P 3DR B 6 -8.65 0.36 -7.95
OP1 3DR B 6 -8.69 -0.64 -9.03
OP2 3DR B 6 -9.19 1.72 -8.21
C2' 3DR B 6 -9.73 1.75 -2.64
C5' 3DR B 6 -10.54 0.34 -5.98
C4' 3DR B 6 -10.15 1.39 -4.92
O4' 3DR B 6 -11.36 1.86 -4.28
C1' 3DR B 6 -11.23 1.63 -2.87
C3' 3DR B 6 -9.24 0.86 -3.77
O3' 3DR B 6 -9.46 -0.53 -3.45
H2' 3DR B 6 -9.43 1.43 -1.64
H2'' 3DR B 6 -9.44 2.79 -2.83
H5' 3DR B 6 -11.10 -0.45 -5.48
H5'' 3DR B 6 -11.19 0.83 -6.71
H4'1 3DR B 6 -9.66 2.23 -5.40
H1'1 3DR B 6 -11.56 0.63 -2.62
H1'2 3DR B 6 -11.79 2.37 -2.30
H3' 3DR B 6 -8.20 1.02 -4.02
O5' 3DR A 7 7.04 -1.24 5.34
P 3DR A 7 6.48 -0.59 6.70
OP1 3DR A 7 7.62 -0.32 7.61
OP2 3DR A 7 5.55 0.51 6.36
C2' 3DR A 7 10.99 -2.21 5.49
C5' 3DR A 7 7.88 -0.54 4.40
C4' 3DR A 7 9.38 -0.77 4.61
O4' 3DR A 7 9.83 -0.25 5.88
C1' 3DR A 7 10.49 -1.31 6.59
C3' 3DR A 7 9.74 -2.27 4.63
O3' 3DR A 7 10.04 -2.88 3.36
H2' 3DR A 7 11.36 -3.18 5.80
H2'' 3DR A 7 11.77 -1.68 4.93
H5' 3DR A 7 7.68 0.53 4.43
H5'' 3DR A 7 7.61 -0.91 3.40
H4'1 3DR A 7 9.93 -0.28 3.82
H1'1 3DR A 7 9.77 -1.85 7.22
H1'2 3DR A 7 11.30 -0.92 7.20
H3' 3DR A 7 9.00 -2.86 5.16
O5' 3DR B 6 -8.71 0.20 -7.90
P 3DR B 6 -7.47 0.57 -8.89
OP1 3DR B 6 -7.22 -0.58 -9.77
OP2 3DR B 6 -7.75 1.89 -9.49
C2' 3DR B 6 -8.66 2.83 -4.26
C5' 3DR B 6 -9.70 1.11 -7.39
C4' 3DR B 6 -9.15 2.19 -6.45
O4' 3DR B 6 -10.25 3.00 -5.96
C1' 3DR B 6 -10.15 3.05 -4.52
C3' 3DR B 6 -8.44 1.66 -5.19
O3' 3DR B 6 -9.01 0.44 -4.67
H2' 3DR B 6 -8.46 2.62 -3.21
H2'' 3DR B 6 -8.11 3.70 -4.61
H5' 3DR B 6 -10.44 0.52 -6.84
H5'' 3DR B 6 -10.19 1.60 -8.23
H4'1 3DR B 6 -8.46 2.83 -7.01
H1'1 3DR B 6 -10.73 2.24 -4.09
H1'2 3DR B 6 -10.49 4.01 -4.15
H3' 3DR B 6 -7.38 1.51 -5.40
O5' 3DR A 7 8.88 -2.04 6.44
P 3DR A 7 7.94 -2.23 7.72
OP1 3DR A 7 7.77 -3.68 7.96
OP2 3DR A 7 8.49 -1.38 8.81
C2' 3DR A 7 11.71 -2.03 3.54
C5' 3DR A 7 9.21 -0.73 5.93
C4' 3DR A 7 10.44 -0.75 5.02
O4' 3DR A 7 11.61 -1.24 5.72
C1' 3DR A 7 12.14 -2.35 4.96
C3' 3DR A 7 10.25 -1.68 3.82
O3' 3DR A 7 9.63 -1.02 2.70
H2' 3DR A 7 11.84 -2.82 2.82
H2'' 3DR A 7 12.22 -1.14 3.20
H5' 3DR A 7 9.43 -0.06 6.76
H5'' 3DR A 7 8.36 -0.35 5.37
H4'1 3DR A 7 10.64 0.26 4.67
H1'1 3DR A 7 11.68 -3.28 5.28
H1'2 3DR A 7 13.22 -2.40 5.06
H3' 3DR A 7 9.74 -2.59 4.11
O5' 3DR B 6 -9.44 -0.09 -5.43
P 3DR B 6 -8.70 0.81 -6.54
OP1 3DR B 6 -8.84 0.12 -7.85
OP2 3DR B 6 -9.16 2.21 -6.40
C2' 3DR B 6 -8.32 1.17 -1.24
C5' 3DR B 6 -10.24 0.43 -4.34
C4' 3DR B 6 -9.46 1.24 -3.28
O4' 3DR B 6 -10.37 1.66 -2.23
C1' 3DR B 6 -9.82 1.22 -0.97
C3' 3DR B 6 -8.35 0.44 -2.57
O3' 3DR B 6 -8.67 -0.95 -2.41
H2' 3DR B 6 -7.76 0.64 -0.46
H2'' 3DR B 6 -7.96 2.19 -1.38
H5' 3DR B 6 -10.73 -0.40 -3.85
H5'' 3DR B 6 -11.01 1.09 -4.76
H4'1 3DR B 6 -9.02 2.12 -3.74
H1'1 3DR B 6 -10.17 0.22 -0.73
H1'2 3DR B 6 -10.06 1.92 -0.18
H3' 3DR B 6 -7.41 0.54 -3.12
#